data_2DXY
#
_entry.id   2DXY
#
_cell.length_a   63.374
_cell.length_b   50.413
_cell.length_c   65.909
_cell.angle_alpha   90.00
_cell.angle_beta   107.81
_cell.angle_gamma   90.00
#
_symmetry.space_group_name_H-M   'P 1 21 1'
#
loop_
_entity.id
_entity.type
_entity.pdbx_description
1 polymer Lactotransferrin
2 branched beta-D-mannopyranose-(1-4)-2-acetamido-2-deoxy-beta-D-glucopyranose-(1-4)-2-acetamido-2-deoxy-beta-D-glucopyranose
3 branched beta-D-mannopyranose-(1-4)-alpha-D-mannopyranose-(1-4)-2-acetamido-2-deoxy-beta-D-glucopyranose-(1-4)-2-acetamido-2-deoxy-beta-D-glucopyranose
4 branched alpha-D-glucopyranose-(1-1)-alpha-D-glucopyranose
5 non-polymer 2-acetamido-2-deoxy-beta-D-glucopyranose
6 non-polymer 'ZINC ION'
7 non-polymer 'FE (III) ION'
8 non-polymer 'CARBONATE ION'
9 non-polymer 'SULFATE ION'
10 water water
#
_entity_poly.entity_id   1
_entity_poly.type   'polypeptide(L)'
_entity_poly.pdbx_seq_one_letter_code
;YTRVVWCAVGPEEQKKCQQWSQQSGQNVTCATASTTDDCIVLVLKGEADALNLDGGYIYTAGKCGLVPVLAENRKSSKHS
SLDCVLRPTEGYLAVAVVKKANEGLTWNSLKDKKSCHTAVDRTAGWNIPMGLIVNQTGSCAFDEFFSQSCAPGADPKSRL
CALCAGDDQGLDKCVPNSKEKYYGYTGAFRCLAEDVGDVAFVKNDTVWENTNGESTADWAKNLKREDFRLLCLDGTRKPV
TEAQSCHLAVAPNHAVVSRSDRAAHVEQVLLHQQALFGKNGKNCPDKFCLFKSETKNLLFNDNTECLAKLGGRPTYEEYL
GTEYVTAIANLKKCSTSPLLEACAF
;
_entity_poly.pdbx_strand_id   A
#
loop_
_chem_comp.id
_chem_comp.type
_chem_comp.name
_chem_comp.formula
BMA D-saccharide, beta linking beta-D-mannopyranose 'C6 H12 O6'
CO3 non-polymer 'CARBONATE ION' 'C O3 -2'
FE non-polymer 'FE (III) ION' 'Fe 3'
GLC D-saccharide, alpha linking alpha-D-glucopyranose 'C6 H12 O6'
MAN D-saccharide, alpha linking alpha-D-mannopyranose 'C6 H12 O6'
NAG D-saccharide, beta linking 2-acetamido-2-deoxy-beta-D-glucopyranose 'C8 H15 N O6'
SO4 non-polymer 'SULFATE ION' 'O4 S -2'
ZN non-polymer 'ZINC ION' 'Zn 2'
#
# COMPACT_ATOMS: atom_id res chain seq x y z
N TYR A 1 -3.88 -15.25 -23.82
CA TYR A 1 -5.31 -14.90 -24.05
C TYR A 1 -6.09 -14.96 -22.75
N THR A 2 -6.70 -16.12 -22.49
CA THR A 2 -7.26 -16.34 -21.17
C THR A 2 -6.06 -16.64 -20.26
N ARG A 3 -4.85 -16.38 -20.77
CA ARG A 3 -3.63 -16.43 -19.94
C ARG A 3 -3.20 -14.99 -19.62
N VAL A 4 -3.02 -14.71 -18.33
CA VAL A 4 -2.67 -13.39 -17.83
C VAL A 4 -1.27 -13.43 -17.19
N VAL A 5 -0.41 -12.48 -17.53
CA VAL A 5 0.91 -12.42 -16.93
C VAL A 5 0.82 -11.42 -15.79
N TRP A 6 1.00 -11.90 -14.57
CA TRP A 6 0.94 -11.00 -13.41
C TRP A 6 2.35 -10.39 -13.21
N CYS A 7 2.46 -9.15 -12.75
CA CYS A 7 3.82 -8.61 -12.45
C CYS A 7 4.09 -8.57 -10.96
N ALA A 8 5.14 -9.27 -10.54
CA ALA A 8 5.50 -9.38 -9.13
C ALA A 8 6.65 -8.44 -8.83
N VAL A 9 6.58 -7.80 -7.65
CA VAL A 9 7.58 -6.85 -7.27
C VAL A 9 8.50 -7.47 -6.23
N GLY A 10 9.71 -7.80 -6.68
CA GLY A 10 10.72 -8.37 -5.78
C GLY A 10 10.57 -9.89 -5.65
N PRO A 11 11.55 -10.54 -5.01
CA PRO A 11 11.61 -12.01 -4.93
C PRO A 11 10.52 -12.72 -4.09
N GLU A 12 9.96 -12.09 -3.07
CA GLU A 12 8.96 -12.75 -2.26
C GLU A 12 7.64 -12.78 -2.98
N GLU A 13 7.29 -11.69 -3.67
CA GLU A 13 6.04 -11.75 -4.46
C GLU A 13 6.20 -12.75 -5.59
N GLN A 14 7.42 -12.87 -6.13
CA GLN A 14 7.68 -13.79 -7.24
C GLN A 14 7.36 -15.21 -6.79
N LYS A 15 7.87 -15.57 -5.62
CA LYS A 15 7.60 -16.87 -5.03
C LYS A 15 6.11 -17.12 -4.88
N LYS A 16 5.34 -16.16 -4.35
CA LYS A 16 3.88 -16.34 -4.23
C LYS A 16 3.22 -16.46 -5.60
N CYS A 17 3.65 -15.64 -6.53
CA CYS A 17 3.08 -15.71 -7.86
C CYS A 17 3.31 -17.08 -8.49
N GLN A 18 4.53 -17.60 -8.36
CA GLN A 18 4.83 -18.95 -8.88
C GLN A 18 3.88 -20.03 -8.37
N GLN A 19 3.60 -20.00 -7.07
CA GLN A 19 2.65 -20.93 -6.48
C GLN A 19 1.29 -20.77 -7.11
N TRP A 20 0.84 -19.51 -7.22
CA TRP A 20 -0.45 -19.23 -7.82
C TRP A 20 -0.45 -19.76 -9.24
N SER A 21 0.67 -19.56 -9.93
CA SER A 21 0.80 -19.98 -11.32
C SER A 21 0.61 -21.49 -11.46
N GLN A 22 1.35 -22.21 -10.62
CA GLN A 22 1.28 -23.67 -10.56
C GLN A 22 -0.14 -24.14 -10.31
N GLN A 23 -0.78 -23.57 -9.29
CA GLN A 23 -2.12 -23.95 -8.91
C GLN A 23 -3.21 -23.60 -9.92
N SER A 24 -3.00 -22.54 -10.71
CA SER A 24 -3.96 -22.09 -11.71
C SER A 24 -3.83 -22.86 -13.03
N GLY A 25 -2.89 -23.79 -13.09
CA GLY A 25 -2.68 -24.56 -14.31
C GLY A 25 -2.16 -23.66 -15.40
N GLN A 26 -1.41 -22.65 -14.98
CA GLN A 26 -0.81 -21.69 -15.91
C GLN A 26 -1.82 -20.78 -16.57
N ASN A 27 -3.00 -20.67 -16.01
CA ASN A 27 -3.89 -19.62 -16.49
C ASN A 27 -3.29 -18.26 -16.15
N VAL A 28 -2.53 -18.24 -15.06
CA VAL A 28 -1.80 -17.07 -14.68
C VAL A 28 -0.32 -17.43 -14.71
N THR A 29 0.47 -16.50 -15.21
CA THR A 29 1.90 -16.71 -15.21
C THR A 29 2.56 -15.43 -14.63
N CYS A 30 3.86 -15.42 -14.45
CA CYS A 30 4.52 -14.35 -13.70
C CYS A 30 5.70 -13.70 -14.38
N ALA A 31 5.78 -12.39 -14.24
CA ALA A 31 6.93 -11.64 -14.69
C ALA A 31 7.37 -10.98 -13.37
N THR A 32 8.64 -10.69 -13.19
CA THR A 32 9.10 -10.06 -11.95
C THR A 32 9.96 -8.83 -12.24
N ALA A 33 9.80 -7.79 -11.40
CA ALA A 33 10.64 -6.61 -11.53
C ALA A 33 11.06 -6.18 -10.14
N SER A 34 12.08 -5.34 -10.08
CA SER A 34 12.59 -4.94 -8.77
C SER A 34 11.76 -3.84 -8.13
N THR A 35 11.00 -3.08 -8.92
CA THR A 35 10.18 -2.01 -8.34
C THR A 35 8.83 -1.95 -9.03
N THR A 36 7.88 -1.29 -8.37
CA THR A 36 6.56 -1.14 -8.92
C THR A 36 6.63 -0.36 -10.22
N ASP A 37 7.48 0.68 -10.26
CA ASP A 37 7.60 1.51 -11.47
C ASP A 37 8.05 0.64 -12.64
N ASP A 38 9.01 -0.24 -12.39
CA ASP A 38 9.45 -1.14 -13.44
C ASP A 38 8.35 -2.07 -13.89
N CYS A 39 7.53 -2.55 -12.96
CA CYS A 39 6.40 -3.39 -13.33
C CYS A 39 5.44 -2.65 -14.26
N ILE A 40 5.25 -1.36 -13.97
CA ILE A 40 4.35 -0.53 -14.78
C ILE A 40 4.84 -0.45 -16.23
N VAL A 41 6.15 -0.34 -16.36
CA VAL A 41 6.77 -0.34 -17.66
C VAL A 41 6.60 -1.69 -18.38
N LEU A 42 6.76 -2.81 -17.67
CA LEU A 42 6.47 -4.09 -18.31
C LEU A 42 5.04 -4.15 -18.87
N VAL A 43 4.12 -3.64 -18.07
CA VAL A 43 2.73 -3.62 -18.51
C VAL A 43 2.54 -2.75 -19.75
N LEU A 44 3.14 -1.57 -19.76
CA LEU A 44 3.06 -0.69 -20.95
C LEU A 44 3.65 -1.36 -22.19
N LYS A 45 4.75 -2.10 -22.01
CA LYS A 45 5.35 -2.77 -23.16
C LYS A 45 4.54 -3.97 -23.62
N GLY A 46 3.63 -4.43 -22.77
CA GLY A 46 2.82 -5.58 -23.10
C GLY A 46 3.48 -6.87 -22.69
N GLU A 47 4.58 -6.80 -21.93
CA GLU A 47 5.29 -7.99 -21.45
C GLU A 47 4.69 -8.54 -20.17
N ALA A 48 3.88 -7.71 -19.49
CA ALA A 48 3.05 -8.20 -18.40
C ALA A 48 1.62 -7.63 -18.63
N ASP A 49 0.61 -8.20 -17.97
CA ASP A 49 -0.76 -7.70 -18.13
C ASP A 49 -1.27 -6.81 -17.00
N ALA A 50 -0.87 -7.13 -15.78
CA ALA A 50 -1.54 -6.55 -14.59
C ALA A 50 -0.79 -6.70 -13.27
N LEU A 51 -1.14 -5.84 -12.32
CA LEU A 51 -0.67 -5.94 -10.94
C LEU A 51 -1.62 -5.07 -10.10
N ASN A 52 -1.60 -5.30 -8.82
CA ASN A 52 -2.44 -4.61 -7.88
C ASN A 52 -1.61 -3.42 -7.33
N LEU A 53 -2.15 -2.21 -7.37
CA LEU A 53 -1.39 -1.03 -7.05
C LEU A 53 -2.02 -0.17 -5.98
N ASP A 54 -1.17 0.43 -5.14
CA ASP A 54 -1.62 1.46 -4.24
C ASP A 54 -2.05 2.70 -5.06
N GLY A 55 -2.95 3.51 -4.53
CA GLY A 55 -3.42 4.70 -5.24
C GLY A 55 -2.40 5.69 -5.79
N GLY A 56 -1.29 5.95 -5.08
CA GLY A 56 -0.26 6.82 -5.60
C GLY A 56 0.34 6.28 -6.89
N TYR A 57 0.48 4.95 -6.96
CA TYR A 57 0.97 4.39 -8.22
C TYR A 57 -0.13 4.35 -9.29
N ILE A 58 -1.39 4.31 -8.88
CA ILE A 58 -2.46 4.28 -9.89
C ILE A 58 -2.43 5.61 -10.60
N TYR A 59 -2.04 6.64 -9.88
CA TYR A 59 -1.90 7.96 -10.47
C TYR A 59 -0.76 7.97 -11.52
N THR A 60 0.40 7.43 -11.18
CA THR A 60 1.50 7.26 -12.15
C THR A 60 1.05 6.47 -13.38
N ALA A 61 0.42 5.33 -13.14
CA ALA A 61 0.00 4.41 -14.18
C ALA A 61 -1.07 5.03 -15.07
N GLY A 62 -1.93 5.83 -14.45
CA GLY A 62 -3.05 6.47 -15.13
C GLY A 62 -2.60 7.46 -16.18
N LYS A 63 -1.61 8.28 -15.85
CA LYS A 63 -1.04 9.24 -16.79
C LYS A 63 -0.44 8.52 -17.97
N CYS A 64 -0.01 7.27 -17.77
CA CYS A 64 0.55 6.51 -18.89
C CYS A 64 -0.52 5.70 -19.63
N GLY A 65 -1.78 5.88 -19.24
CA GLY A 65 -2.85 5.20 -19.95
C GLY A 65 -3.32 3.88 -19.36
N LEU A 66 -2.82 3.46 -18.22
CA LEU A 66 -3.33 2.23 -17.62
C LEU A 66 -4.68 2.52 -16.92
N VAL A 67 -5.51 1.51 -16.76
CA VAL A 67 -6.80 1.73 -16.15
C VAL A 67 -7.05 0.77 -14.99
N PRO A 68 -7.85 1.23 -14.03
CA PRO A 68 -8.28 0.38 -12.91
C PRO A 68 -9.26 -0.66 -13.41
N VAL A 69 -9.13 -1.88 -12.91
CA VAL A 69 -9.96 -2.98 -13.38
C VAL A 69 -10.90 -3.51 -12.29
N LEU A 70 -10.34 -3.82 -11.11
CA LEU A 70 -11.11 -4.34 -9.99
C LEU A 70 -10.40 -3.80 -8.75
N ALA A 71 -11.14 -3.67 -7.65
CA ALA A 71 -10.57 -3.08 -6.43
C ALA A 71 -10.57 -4.02 -5.25
N GLU A 72 -9.54 -3.92 -4.42
CA GLU A 72 -9.58 -4.67 -3.17
C GLU A 72 -10.81 -4.19 -2.38
N ASN A 73 -11.51 -5.13 -1.79
CA ASN A 73 -12.63 -4.79 -0.93
C ASN A 73 -12.39 -5.52 0.39
N ARG A 74 -12.35 -4.83 1.51
CA ARG A 74 -12.22 -5.55 2.79
C ARG A 74 -13.60 -5.68 3.48
N LYS A 75 -13.66 -6.32 4.65
CA LYS A 75 -14.96 -6.49 5.32
C LYS A 75 -15.66 -5.17 5.71
N SER A 76 -16.96 -5.14 5.46
CA SER A 76 -17.76 -3.94 5.68
C SER A 76 -18.69 -4.01 6.89
N SER A 77 -19.58 -3.02 6.99
CA SER A 77 -20.59 -2.97 8.05
C SER A 77 -21.96 -2.57 7.48
N LYS A 78 -21.97 -1.51 6.68
CA LYS A 78 -23.20 -1.10 5.99
C LYS A 78 -23.28 -1.90 4.69
N HIS A 79 -24.49 -1.95 4.09
CA HIS A 79 -24.76 -2.72 2.86
C HIS A 79 -24.59 -4.23 3.06
N SER A 80 -25.02 -4.71 4.23
CA SER A 80 -24.96 -6.13 4.58
C SER A 80 -25.41 -7.11 3.48
N SER A 81 -26.44 -6.75 2.72
CA SER A 81 -26.98 -7.65 1.70
C SER A 81 -26.04 -8.00 0.54
N LEU A 82 -25.43 -6.97 -0.08
CA LEU A 82 -24.62 -7.16 -1.28
C LEU A 82 -23.47 -8.16 -1.22
N ASP A 83 -23.29 -8.89 -2.32
CA ASP A 83 -22.15 -9.78 -2.47
C ASP A 83 -20.90 -8.90 -2.46
N CYS A 84 -19.80 -9.42 -1.91
CA CYS A 84 -18.53 -8.66 -1.87
C CYS A 84 -18.12 -8.07 -3.24
N VAL A 85 -18.24 -8.85 -4.31
CA VAL A 85 -17.82 -8.43 -5.64
C VAL A 85 -18.61 -7.24 -6.21
N LEU A 86 -19.85 -7.07 -5.72
CA LEU A 86 -20.72 -5.98 -6.14
C LEU A 86 -20.77 -4.80 -5.16
N ARG A 87 -20.24 -5.02 -3.97
CA ARG A 87 -20.25 -3.98 -2.94
C ARG A 87 -19.29 -2.83 -3.24
N PRO A 88 -19.77 -1.61 -3.07
CA PRO A 88 -18.93 -0.42 -3.24
C PRO A 88 -17.73 -0.48 -2.28
N THR A 89 -16.59 0.09 -2.67
CA THR A 89 -15.46 0.15 -1.77
C THR A 89 -15.60 1.33 -0.79
N GLU A 90 -15.01 1.20 0.39
CA GLU A 90 -15.12 2.24 1.38
C GLU A 90 -13.86 3.12 1.50
N GLY A 91 -12.70 2.53 1.29
CA GLY A 91 -11.49 3.33 1.34
C GLY A 91 -10.80 3.10 2.66
N TYR A 92 -9.52 3.40 2.78
CA TYR A 92 -8.91 3.15 4.07
C TYR A 92 -8.48 4.45 4.71
N LEU A 93 -8.22 4.39 6.01
CA LEU A 93 -7.88 5.61 6.71
C LEU A 93 -6.38 5.72 6.83
N ALA A 94 -5.82 6.78 6.33
CA ALA A 94 -4.40 7.06 6.47
C ALA A 94 -4.17 7.66 7.87
N VAL A 95 -3.28 7.09 8.66
CA VAL A 95 -3.04 7.64 10.00
C VAL A 95 -1.56 7.86 10.26
N ALA A 96 -1.25 8.59 11.33
CA ALA A 96 0.13 8.77 11.76
C ALA A 96 0.16 8.20 13.17
N VAL A 97 1.06 7.25 13.42
CA VAL A 97 1.08 6.45 14.63
C VAL A 97 2.37 6.65 15.40
N VAL A 98 2.24 6.84 16.72
CA VAL A 98 3.41 6.97 17.58
C VAL A 98 3.28 6.07 18.80
N LYS A 99 4.36 5.97 19.58
CA LYS A 99 4.30 5.22 20.81
C LYS A 99 3.71 6.11 21.89
N LYS A 100 2.81 5.56 22.70
CA LYS A 100 2.29 6.29 23.87
C LYS A 100 3.46 6.85 24.74
N ALA A 101 4.49 6.03 24.94
CA ALA A 101 5.63 6.40 25.78
C ALA A 101 6.36 7.65 25.32
N ASN A 102 6.17 8.01 24.05
CA ASN A 102 6.84 9.16 23.48
C ASN A 102 5.87 10.32 23.69
N GLU A 103 5.82 10.83 24.93
CA GLU A 103 4.83 11.82 25.35
C GLU A 103 5.13 13.17 24.78
N GLY A 104 4.10 13.98 24.57
CA GLY A 104 4.35 15.33 24.05
C GLY A 104 4.76 15.41 22.58
N LEU A 105 4.75 14.26 21.91
CA LEU A 105 4.94 14.24 20.48
C LEU A 105 3.55 14.35 19.86
N THR A 106 3.33 15.40 19.06
CA THR A 106 2.05 15.62 18.41
C THR A 106 2.33 16.00 16.97
N TRP A 107 1.29 16.21 16.18
CA TRP A 107 1.43 16.65 14.79
C TRP A 107 2.32 17.88 14.71
N ASN A 108 2.11 18.82 15.63
CA ASN A 108 2.86 20.08 15.66
C ASN A 108 4.30 20.01 16.15
N SER A 109 4.78 18.87 16.57
CA SER A 109 6.18 18.78 16.94
C SER A 109 6.92 17.69 16.16
N LEU A 110 6.45 17.40 14.95
CA LEU A 110 7.07 16.36 14.14
C LEU A 110 8.40 16.80 13.52
N LYS A 111 8.57 18.09 13.31
CA LYS A 111 9.84 18.60 12.79
C LYS A 111 11.10 18.05 13.53
N ASP A 112 12.07 17.60 12.74
CA ASP A 112 13.33 17.00 13.23
C ASP A 112 13.17 15.67 13.95
N LYS A 113 12.04 15.03 13.86
CA LYS A 113 11.95 13.72 14.42
C LYS A 113 12.15 12.68 13.32
N LYS A 114 12.24 11.42 13.75
CA LYS A 114 12.49 10.30 12.81
C LYS A 114 11.21 9.68 12.30
N SER A 115 11.13 9.41 10.97
CA SER A 115 9.88 8.94 10.40
C SER A 115 10.03 7.61 9.66
N CYS A 116 8.93 6.87 9.59
CA CYS A 116 8.85 5.58 8.89
C CYS A 116 7.70 5.66 7.85
N HIS A 117 8.02 5.47 6.58
CA HIS A 117 7.08 5.62 5.45
C HIS A 117 7.02 4.30 4.73
N THR A 118 5.86 3.97 4.15
CA THR A 118 5.75 2.68 3.46
C THR A 118 6.68 2.62 2.24
N ALA A 119 6.67 3.69 1.45
CA ALA A 119 7.51 3.87 0.26
C ALA A 119 7.16 5.24 -0.30
N VAL A 120 8.13 5.89 -0.94
CA VAL A 120 7.90 7.12 -1.69
C VAL A 120 6.79 6.87 -2.71
N ASP A 121 5.93 7.87 -2.91
CA ASP A 121 4.87 7.81 -3.94
C ASP A 121 3.60 7.03 -3.57
N ARG A 122 3.56 6.50 -2.36
CA ARG A 122 2.40 5.71 -1.93
C ARG A 122 1.44 6.60 -1.14
N THR A 123 0.16 6.26 -1.07
CA THR A 123 -0.84 7.14 -0.41
C THR A 123 -0.65 7.51 1.10
N ALA A 124 -0.76 6.52 1.97
CA ALA A 124 -0.72 6.77 3.39
C ALA A 124 0.73 7.00 3.80
N GLY A 125 1.65 6.37 3.08
CA GLY A 125 3.02 6.47 3.54
C GLY A 125 3.74 7.71 3.07
N TRP A 126 3.24 8.34 2.01
CA TRP A 126 3.98 9.46 1.46
C TRP A 126 3.14 10.65 0.97
N ASN A 127 2.27 10.41 0.01
CA ASN A 127 1.53 11.48 -0.60
C ASN A 127 0.67 12.29 0.35
N ILE A 128 -0.01 11.64 1.30
CA ILE A 128 -0.91 12.35 2.21
C ILE A 128 -0.06 13.13 3.21
N PRO A 129 0.81 12.45 3.95
CA PRO A 129 1.58 13.17 4.98
C PRO A 129 2.55 14.22 4.44
N MET A 130 3.29 13.95 3.35
CA MET A 130 4.21 14.94 2.80
C MET A 130 3.46 16.11 2.13
N GLY A 131 2.29 15.81 1.56
CA GLY A 131 1.44 16.84 0.96
C GLY A 131 0.94 17.81 2.01
N LEU A 132 0.51 17.29 3.15
CA LEU A 132 0.11 18.12 4.26
C LEU A 132 1.31 18.92 4.81
N ILE A 133 2.45 18.27 4.93
CA ILE A 133 3.63 18.94 5.45
C ILE A 133 4.14 20.05 4.53
N VAL A 134 4.15 19.79 3.23
CA VAL A 134 4.54 20.83 2.29
C VAL A 134 3.55 22.01 2.40
N ASN A 135 2.25 21.67 2.38
CA ASN A 135 1.16 22.62 2.54
C ASN A 135 1.38 23.57 3.74
N GLN A 136 1.54 22.93 4.90
CA GLN A 136 1.69 23.65 6.17
C GLN A 136 3.02 24.37 6.35
N THR A 137 4.03 23.90 5.66
CA THR A 137 5.37 24.43 5.76
C THR A 137 5.62 25.54 4.73
N GLY A 138 4.80 25.56 3.69
CA GLY A 138 4.98 26.45 2.56
C GLY A 138 6.33 26.25 1.91
N SER A 139 6.79 25.00 1.82
CA SER A 139 8.12 24.74 1.30
C SER A 139 8.26 23.34 0.69
N CYS A 140 9.01 23.24 -0.40
CA CYS A 140 9.18 21.96 -1.09
C CYS A 140 10.32 21.12 -0.56
N ALA A 141 10.89 21.56 0.55
CA ALA A 141 12.01 20.86 1.14
C ALA A 141 11.54 19.77 2.11
N PHE A 142 10.69 18.87 1.62
CA PHE A 142 10.20 17.80 2.46
C PHE A 142 11.32 16.82 2.82
N ASP A 143 12.42 16.90 2.11
CA ASP A 143 13.56 16.05 2.38
C ASP A 143 14.38 16.58 3.55
N GLU A 144 13.96 17.69 4.11
CA GLU A 144 14.70 18.29 5.21
C GLU A 144 13.88 18.35 6.49
N PHE A 145 12.60 18.05 6.36
CA PHE A 145 11.67 18.14 7.50
C PHE A 145 11.98 17.18 8.66
N PHE A 146 12.11 15.90 8.36
CA PHE A 146 12.45 14.92 9.39
C PHE A 146 13.98 14.85 9.49
N SER A 147 14.50 14.49 10.66
CA SER A 147 15.95 14.39 10.79
C SER A 147 16.50 13.20 10.03
N GLN A 148 15.80 12.07 10.14
CA GLN A 148 16.18 10.81 9.46
C GLN A 148 14.89 10.03 9.18
N SER A 149 14.86 9.24 8.13
CA SER A 149 13.68 8.47 7.77
C SER A 149 14.05 7.16 7.10
N CYS A 150 13.06 6.29 7.02
CA CYS A 150 13.12 5.19 6.09
C CYS A 150 11.94 5.41 5.15
N ALA A 151 12.25 5.76 3.92
CA ALA A 151 11.24 5.98 2.88
C ALA A 151 11.70 5.23 1.64
N PRO A 152 11.40 3.94 1.54
CA PRO A 152 11.88 3.14 0.40
C PRO A 152 11.63 3.83 -0.95
N GLY A 153 12.66 3.83 -1.80
CA GLY A 153 12.51 4.52 -3.08
C GLY A 153 13.23 5.86 -3.14
N ALA A 154 13.69 6.38 -2.02
CA ALA A 154 14.47 7.62 -2.05
C ALA A 154 15.95 7.28 -2.26
N ASP A 155 16.79 8.28 -2.32
CA ASP A 155 18.24 8.08 -2.57
C ASP A 155 18.88 7.43 -1.36
N PRO A 156 19.44 6.25 -1.53
CA PRO A 156 20.02 5.49 -0.42
C PRO A 156 21.07 6.24 0.35
N LYS A 157 21.72 7.22 -0.27
CA LYS A 157 22.69 7.97 0.49
C LYS A 157 22.09 9.19 1.19
N SER A 158 20.78 9.43 0.99
CA SER A 158 20.13 10.56 1.63
C SER A 158 19.60 10.23 3.00
N ARG A 159 19.29 11.28 3.76
CA ARG A 159 18.73 11.06 5.08
C ARG A 159 17.33 10.41 5.04
N LEU A 160 16.65 10.48 3.89
CA LEU A 160 15.38 9.79 3.72
C LEU A 160 15.51 8.25 3.77
N CYS A 161 16.73 7.72 3.61
CA CYS A 161 16.99 6.28 3.66
C CYS A 161 17.83 5.86 4.86
N ALA A 162 18.19 6.82 5.69
CA ALA A 162 19.16 6.55 6.75
C ALA A 162 18.68 5.50 7.71
N LEU A 163 17.39 5.40 7.88
CA LEU A 163 16.85 4.44 8.82
C LEU A 163 16.50 3.07 8.20
N CYS A 164 16.49 2.97 6.87
CA CYS A 164 16.15 1.69 6.23
C CYS A 164 17.30 0.71 6.50
N ALA A 165 16.99 -0.57 6.52
CA ALA A 165 17.93 -1.57 6.97
C ALA A 165 18.31 -2.57 5.90
N GLY A 166 17.66 -2.57 4.77
CA GLY A 166 18.01 -3.58 3.79
C GLY A 166 17.48 -4.99 4.17
N ASP A 167 18.05 -6.00 3.53
CA ASP A 167 17.66 -7.41 3.72
C ASP A 167 18.53 -8.10 4.79
N ASP A 168 18.20 -9.33 5.18
CA ASP A 168 18.96 -9.96 6.30
C ASP A 168 20.48 -9.98 6.11
N GLN A 169 21.02 -9.51 4.99
CA GLN A 169 22.45 -9.46 4.79
C GLN A 169 22.88 -8.02 4.72
N GLY A 170 21.93 -7.11 4.84
CA GLY A 170 22.24 -5.70 4.71
C GLY A 170 22.29 -5.18 3.28
N LEU A 171 21.89 -5.98 2.30
CA LEU A 171 21.91 -5.48 0.94
C LEU A 171 20.54 -4.86 0.62
N ASP A 172 20.47 -4.12 -0.47
CA ASP A 172 19.21 -3.60 -1.00
C ASP A 172 18.60 -2.60 -0.06
N LYS A 173 19.45 -1.89 0.68
CA LYS A 173 18.94 -0.88 1.58
C LYS A 173 18.07 0.13 0.84
N CYS A 174 16.87 0.36 1.38
CA CYS A 174 15.93 1.33 0.88
C CYS A 174 15.28 0.98 -0.48
N VAL A 175 15.43 -0.23 -0.97
CA VAL A 175 14.77 -0.54 -2.23
C VAL A 175 13.28 -0.63 -1.92
N PRO A 176 12.44 -0.13 -2.82
CA PRO A 176 10.98 -0.19 -2.60
C PRO A 176 10.36 -1.53 -2.97
N ASN A 177 10.78 -2.59 -2.27
CA ASN A 177 10.19 -3.90 -2.38
C ASN A 177 10.37 -4.60 -1.02
N SER A 178 9.72 -5.75 -0.84
CA SER A 178 9.68 -6.38 0.47
C SER A 178 11.01 -6.95 0.95
N LYS A 179 12.03 -6.93 0.11
CA LYS A 179 13.36 -7.27 0.58
C LYS A 179 13.82 -6.27 1.63
N GLU A 180 13.39 -5.00 1.52
CA GLU A 180 13.76 -4.00 2.53
C GLU A 180 12.92 -4.29 3.81
N LYS A 181 13.59 -4.51 4.93
CA LYS A 181 12.96 -4.83 6.21
C LYS A 181 11.82 -3.88 6.55
N TYR A 182 12.01 -2.59 6.34
CA TYR A 182 10.99 -1.61 6.72
C TYR A 182 10.11 -1.10 5.56
N TYR A 183 9.94 -1.93 4.53
CA TYR A 183 9.08 -1.57 3.38
C TYR A 183 7.59 -1.86 3.63
N GLY A 184 6.72 -1.03 3.08
CA GLY A 184 5.32 -1.36 3.14
C GLY A 184 4.61 -0.99 4.44
N TYR A 185 3.31 -1.25 4.46
CA TYR A 185 2.57 -0.98 5.68
C TYR A 185 3.20 -1.71 6.88
N THR A 186 3.47 -3.00 6.73
CA THR A 186 4.01 -3.76 7.87
C THR A 186 5.43 -3.32 8.27
N GLY A 187 6.28 -3.09 7.26
CA GLY A 187 7.64 -2.61 7.48
C GLY A 187 7.70 -1.26 8.19
N ALA A 188 6.86 -0.32 7.76
CA ALA A 188 6.85 0.98 8.39
C ALA A 188 6.30 0.84 9.81
N PHE A 189 5.31 0.00 10.03
CA PHE A 189 4.84 -0.15 11.41
C PHE A 189 5.94 -0.82 12.27
N ARG A 190 6.66 -1.78 11.69
CA ARG A 190 7.79 -2.42 12.40
C ARG A 190 8.90 -1.42 12.76
N CYS A 191 9.13 -0.48 11.87
CA CYS A 191 10.11 0.57 12.05
C CYS A 191 9.74 1.41 13.30
N LEU A 192 8.46 1.62 13.53
CA LEU A 192 8.03 2.34 14.71
C LEU A 192 8.10 1.40 15.94
N ALA A 193 7.58 0.20 15.80
CA ALA A 193 7.53 -0.73 16.90
C ALA A 193 8.92 -0.99 17.52
N GLU A 194 9.96 -0.96 16.70
CA GLU A 194 11.30 -1.28 17.14
C GLU A 194 12.00 -0.01 17.57
N ASP A 195 11.26 1.09 17.55
CA ASP A 195 11.76 2.40 17.96
C ASP A 195 12.91 2.90 17.12
N VAL A 196 12.92 2.50 15.85
CA VAL A 196 13.87 3.09 14.92
C VAL A 196 13.35 4.47 14.55
N GLY A 197 12.03 4.59 14.35
CA GLY A 197 11.51 5.89 14.03
C GLY A 197 10.61 6.37 15.15
N ASP A 198 10.27 7.65 15.16
CA ASP A 198 9.29 8.20 16.14
C ASP A 198 7.83 8.09 15.69
N VAL A 199 7.63 8.09 14.38
CA VAL A 199 6.31 8.09 13.78
C VAL A 199 6.25 7.19 12.53
N ALA A 200 5.12 6.51 12.35
CA ALA A 200 4.90 5.69 11.17
C ALA A 200 3.63 6.20 10.46
N PHE A 201 3.73 6.30 9.15
CA PHE A 201 2.62 6.73 8.31
C PHE A 201 2.13 5.51 7.61
N VAL A 202 0.99 5.01 8.11
CA VAL A 202 0.44 3.76 7.65
C VAL A 202 -1.07 3.93 7.58
N LYS A 203 -1.78 2.82 7.60
CA LYS A 203 -3.22 2.88 7.59
C LYS A 203 -3.72 2.30 8.89
N ASN A 204 -4.98 2.59 9.17
CA ASN A 204 -5.58 2.19 10.46
C ASN A 204 -5.49 0.68 10.65
N ASP A 205 -5.79 -0.07 9.60
CA ASP A 205 -5.80 -1.51 9.69
C ASP A 205 -4.47 -2.13 10.14
N THR A 206 -3.38 -1.53 9.70
CA THR A 206 -2.04 -2.04 10.04
C THR A 206 -1.82 -2.17 11.56
N VAL A 207 -2.22 -1.16 12.32
CA VAL A 207 -2.11 -1.22 13.78
C VAL A 207 -2.83 -2.41 14.38
N TRP A 208 -4.10 -2.60 13.99
CA TRP A 208 -4.90 -3.71 14.53
C TRP A 208 -4.34 -5.08 14.15
N GLU A 209 -3.82 -5.18 12.93
CA GLU A 209 -3.37 -6.48 12.40
C GLU A 209 -2.04 -6.90 12.96
N ASN A 210 -1.35 -5.96 13.56
CA ASN A 210 -0.05 -6.29 14.11
C ASN A 210 0.09 -6.14 15.60
N THR A 211 -1.03 -6.17 16.31
CA THR A 211 -0.99 -6.03 17.79
C THR A 211 -1.93 -7.03 18.48
N ASN A 212 -1.78 -7.14 19.80
CA ASN A 212 -2.65 -7.97 20.63
C ASN A 212 -2.79 -9.40 20.15
N GLY A 213 -1.69 -10.01 19.69
CA GLY A 213 -1.71 -11.38 19.21
C GLY A 213 -2.19 -11.64 17.79
N GLU A 214 -2.61 -10.61 17.06
CA GLU A 214 -3.13 -10.84 15.69
C GLU A 214 -1.99 -11.26 14.76
N SER A 215 -0.78 -10.87 15.13
CA SER A 215 0.36 -11.28 14.36
C SER A 215 1.25 -12.14 15.24
N THR A 216 1.75 -13.19 14.64
CA THR A 216 2.51 -14.17 15.36
C THR A 216 4.01 -13.94 15.15
N ALA A 217 4.33 -12.96 14.32
CA ALA A 217 5.72 -12.59 14.04
C ALA A 217 6.40 -12.09 15.30
N ASP A 218 7.66 -12.48 15.41
CA ASP A 218 8.57 -12.21 16.52
C ASP A 218 8.67 -10.77 17.01
N TRP A 219 8.65 -9.82 16.09
CA TRP A 219 8.75 -8.41 16.44
C TRP A 219 7.38 -7.89 16.89
N ALA A 220 6.29 -8.59 16.52
CA ALA A 220 4.90 -8.11 16.81
C ALA A 220 4.06 -8.85 17.87
N LYS A 221 4.72 -9.83 18.40
CA LYS A 221 4.24 -10.74 19.40
C LYS A 221 3.67 -10.06 20.59
N ASN A 222 4.51 -9.27 21.16
CA ASN A 222 4.16 -8.65 22.39
C ASN A 222 3.65 -7.24 22.21
N LEU A 223 3.24 -6.87 21.00
CA LEU A 223 2.75 -5.51 20.83
C LEU A 223 1.30 -5.40 21.29
N LYS A 224 1.04 -4.34 22.04
CA LYS A 224 -0.26 -4.02 22.57
C LYS A 224 -0.80 -2.71 21.99
N ARG A 225 -2.03 -2.72 21.50
CA ARG A 225 -2.69 -1.52 20.99
C ARG A 225 -2.59 -0.31 21.92
N GLU A 226 -2.73 -0.53 23.22
CA GLU A 226 -2.72 0.59 24.16
C GLU A 226 -1.35 1.28 24.21
N ASP A 227 -0.32 0.62 23.72
CA ASP A 227 0.98 1.27 23.74
C ASP A 227 1.19 2.24 22.57
N PHE A 228 0.14 2.43 21.78
CA PHE A 228 0.22 3.29 20.62
C PHE A 228 -0.81 4.40 20.64
N ARG A 229 -0.47 5.54 20.02
CA ARG A 229 -1.40 6.65 19.85
C ARG A 229 -1.40 7.17 18.40
N LEU A 230 -2.56 7.66 17.95
CA LEU A 230 -2.73 8.31 16.65
C LEU A 230 -2.50 9.81 16.81
N LEU A 231 -1.81 10.42 15.86
CA LEU A 231 -1.66 11.88 15.85
C LEU A 231 -2.79 12.49 15.02
N CYS A 232 -3.56 13.40 15.61
CA CYS A 232 -4.65 14.06 14.89
C CYS A 232 -4.18 15.39 14.38
N LEU A 233 -4.81 15.86 13.30
CA LEU A 233 -4.42 17.13 12.70
C LEU A 233 -4.69 18.31 13.61
N ASP A 234 -5.57 18.17 14.60
CA ASP A 234 -5.79 19.29 15.54
C ASP A 234 -4.78 19.40 16.67
N GLY A 235 -3.70 18.64 16.63
CA GLY A 235 -2.73 18.68 17.71
C GLY A 235 -2.97 17.69 18.83
N THR A 236 -4.04 16.91 18.80
CA THR A 236 -4.26 15.93 19.88
C THR A 236 -3.68 14.56 19.57
N ARG A 237 -3.69 13.72 20.59
CA ARG A 237 -3.29 12.33 20.48
C ARG A 237 -4.49 11.55 20.93
N LYS A 238 -4.81 10.49 20.20
CA LYS A 238 -5.94 9.66 20.54
C LYS A 238 -5.60 8.18 20.49
N PRO A 239 -6.35 7.36 21.23
CA PRO A 239 -6.23 5.91 21.11
C PRO A 239 -6.56 5.43 19.71
N VAL A 240 -6.00 4.28 19.37
CA VAL A 240 -6.15 3.73 18.03
C VAL A 240 -7.57 3.30 17.74
N THR A 241 -8.42 3.30 18.77
CA THR A 241 -9.85 3.01 18.53
C THR A 241 -10.58 4.18 17.91
N GLU A 242 -9.97 5.36 17.93
CA GLU A 242 -10.63 6.57 17.43
C GLU A 242 -10.17 6.97 16.05
N ALA A 243 -9.83 6.03 15.20
CA ALA A 243 -9.31 6.40 13.88
C ALA A 243 -10.37 7.16 13.09
N GLN A 244 -11.62 6.86 13.36
CA GLN A 244 -12.70 7.56 12.65
C GLN A 244 -12.60 9.06 12.89
N SER A 245 -12.10 9.48 14.05
CA SER A 245 -12.07 10.92 14.29
C SER A 245 -10.67 11.49 14.31
N CYS A 246 -9.69 10.68 13.92
CA CYS A 246 -8.30 11.09 14.00
C CYS A 246 -7.42 10.45 12.89
N HIS A 247 -7.72 10.78 11.62
CA HIS A 247 -6.97 10.32 10.46
C HIS A 247 -6.50 11.53 9.66
N LEU A 248 -5.59 11.29 8.73
CA LEU A 248 -5.04 12.32 7.88
C LEU A 248 -5.85 12.39 6.60
N ALA A 249 -6.45 11.30 6.18
CA ALA A 249 -7.32 11.31 5.00
C ALA A 249 -7.93 9.94 4.84
N VAL A 250 -8.96 9.84 4.01
CA VAL A 250 -9.42 8.55 3.59
C VAL A 250 -8.80 8.29 2.19
N ALA A 251 -8.18 7.12 2.03
CA ALA A 251 -7.48 6.77 0.80
C ALA A 251 -8.32 5.83 -0.09
N PRO A 252 -8.24 5.94 -1.41
CA PRO A 252 -8.91 4.96 -2.28
C PRO A 252 -8.22 3.58 -2.19
N ASN A 253 -9.03 2.52 -2.21
CA ASN A 253 -8.45 1.19 -2.09
C ASN A 253 -7.43 0.89 -3.23
N HIS A 254 -6.47 0.01 -2.90
CA HIS A 254 -5.56 -0.54 -3.89
C HIS A 254 -6.45 -1.24 -4.93
N ALA A 255 -5.99 -1.23 -6.17
CA ALA A 255 -6.77 -1.81 -7.26
C ALA A 255 -5.83 -2.41 -8.31
N VAL A 256 -6.34 -3.41 -9.01
CA VAL A 256 -5.68 -4.01 -10.12
C VAL A 256 -5.74 -3.07 -11.32
N VAL A 257 -4.60 -2.82 -11.96
CA VAL A 257 -4.63 -2.03 -13.17
C VAL A 257 -4.10 -2.85 -14.34
N SER A 258 -4.48 -2.42 -15.53
CA SER A 258 -3.95 -3.04 -16.73
C SER A 258 -4.01 -2.04 -17.88
N ARG A 259 -3.41 -2.42 -18.99
CA ARG A 259 -3.55 -1.61 -20.20
C ARG A 259 -5.02 -1.65 -20.58
N SER A 260 -5.60 -0.53 -21.02
CA SER A 260 -7.04 -0.57 -21.33
C SER A 260 -7.43 -1.63 -22.35
N ASP A 261 -6.56 -1.88 -23.31
CA ASP A 261 -6.89 -2.85 -24.35
C ASP A 261 -6.93 -4.29 -23.81
N ARG A 262 -6.43 -4.49 -22.60
CA ARG A 262 -6.44 -5.82 -22.00
C ARG A 262 -7.40 -5.94 -20.80
N ALA A 263 -8.02 -4.83 -20.42
CA ALA A 263 -8.82 -4.75 -19.19
C ALA A 263 -9.87 -5.84 -19.07
N ALA A 264 -10.64 -6.00 -20.14
CA ALA A 264 -11.75 -6.92 -20.12
C ALA A 264 -11.29 -8.35 -19.88
N HIS A 265 -10.18 -8.72 -20.49
CA HIS A 265 -9.70 -10.08 -20.33
C HIS A 265 -9.09 -10.31 -18.95
N VAL A 266 -8.37 -9.31 -18.44
CA VAL A 266 -7.80 -9.44 -17.10
C VAL A 266 -8.93 -9.63 -16.09
N GLU A 267 -9.99 -8.83 -16.23
CA GLU A 267 -11.16 -8.89 -15.36
C GLU A 267 -11.80 -10.26 -15.30
N GLN A 268 -12.08 -10.88 -16.44
CA GLN A 268 -12.71 -12.20 -16.42
C GLN A 268 -11.82 -13.31 -15.81
N VAL A 269 -10.52 -13.27 -16.10
CA VAL A 269 -9.65 -14.26 -15.55
C VAL A 269 -9.62 -14.13 -14.02
N LEU A 270 -9.47 -12.91 -13.54
CA LEU A 270 -9.36 -12.65 -12.11
C LEU A 270 -10.62 -13.03 -11.34
N LEU A 271 -11.78 -12.65 -11.86
CA LEU A 271 -13.05 -13.06 -11.28
C LEU A 271 -13.12 -14.58 -11.09
N HIS A 272 -12.67 -15.36 -12.08
CA HIS A 272 -12.62 -16.82 -11.93
C HIS A 272 -11.51 -17.26 -10.97
N GLN A 273 -10.36 -16.59 -11.03
CA GLN A 273 -9.30 -16.93 -10.07
C GLN A 273 -9.72 -16.75 -8.62
N GLN A 274 -10.53 -15.72 -8.32
CA GLN A 274 -10.92 -15.55 -6.95
C GLN A 274 -12.01 -16.55 -6.50
N ALA A 275 -12.81 -17.05 -7.44
CA ALA A 275 -13.80 -18.05 -7.09
C ALA A 275 -13.06 -19.31 -6.65
N LEU A 276 -11.87 -19.52 -7.22
CA LEU A 276 -11.02 -20.65 -6.86
C LEU A 276 -10.15 -20.44 -5.64
N PHE A 277 -9.51 -19.28 -5.53
CA PHE A 277 -8.52 -19.07 -4.47
C PHE A 277 -8.78 -17.94 -3.49
N GLY A 278 -9.94 -17.30 -3.63
CA GLY A 278 -10.34 -16.22 -2.76
C GLY A 278 -10.81 -16.66 -1.39
N LYS A 279 -11.39 -15.73 -0.65
CA LYS A 279 -11.81 -15.95 0.73
C LYS A 279 -12.40 -17.32 1.00
N ASN A 280 -13.59 -17.56 0.46
CA ASN A 280 -14.25 -18.86 0.64
C ASN A 280 -14.00 -19.79 -0.52
N GLY A 281 -13.14 -19.38 -1.48
CA GLY A 281 -12.79 -20.12 -2.72
C GLY A 281 -12.70 -21.66 -2.55
N LYS A 282 -12.85 -22.42 -3.69
CA LYS A 282 -12.95 -23.91 -3.74
C LYS A 282 -11.70 -24.61 -3.31
N ASN A 283 -10.62 -23.89 -3.56
CA ASN A 283 -9.33 -24.41 -3.20
C ASN A 283 -8.60 -23.66 -2.10
N CYS A 284 -9.28 -22.78 -1.39
CA CYS A 284 -8.66 -22.07 -0.28
C CYS A 284 -9.53 -22.40 0.91
N PRO A 285 -8.93 -22.83 2.02
CA PRO A 285 -7.48 -22.88 2.26
C PRO A 285 -6.84 -24.21 1.95
N ASP A 286 -7.48 -25.01 1.13
CA ASP A 286 -6.97 -26.33 0.82
C ASP A 286 -5.65 -26.34 0.09
N LYS A 287 -5.63 -25.74 -1.09
CA LYS A 287 -4.41 -25.73 -1.87
C LYS A 287 -3.69 -24.39 -1.86
N PHE A 288 -4.43 -23.31 -2.07
CA PHE A 288 -3.81 -22.00 -2.19
C PHE A 288 -4.81 -20.88 -1.92
N CYS A 289 -4.39 -19.91 -1.13
CA CYS A 289 -5.20 -18.74 -0.85
C CYS A 289 -4.47 -17.53 -1.41
N LEU A 290 -5.08 -16.94 -2.44
CA LEU A 290 -4.61 -15.74 -3.08
C LEU A 290 -4.41 -14.58 -2.09
N PHE A 291 -5.26 -14.49 -1.08
CA PHE A 291 -5.21 -13.33 -0.20
C PHE A 291 -4.50 -13.57 1.13
N LYS A 292 -3.66 -14.60 1.16
CA LYS A 292 -2.85 -14.93 2.33
C LYS A 292 -1.37 -14.85 1.98
N SER A 293 -0.58 -14.49 2.97
CA SER A 293 0.88 -14.47 2.91
C SER A 293 1.45 -14.10 4.31
N GLU A 294 0.80 -14.55 5.36
CA GLU A 294 1.30 -14.30 6.71
C GLU A 294 1.66 -12.82 7.02
N THR A 295 0.71 -11.92 6.80
CA THR A 295 0.85 -10.51 7.22
C THR A 295 1.86 -9.70 6.39
N LYS A 296 2.31 -10.28 5.30
CA LYS A 296 3.32 -9.67 4.48
C LYS A 296 2.74 -8.93 3.27
N ASN A 297 1.45 -9.07 3.08
CA ASN A 297 0.72 -8.35 2.05
C ASN A 297 1.36 -8.53 0.66
N LEU A 298 1.58 -9.76 0.24
CA LEU A 298 2.26 -10.07 -1.03
C LEU A 298 1.19 -10.17 -2.14
N LEU A 299 1.36 -9.37 -3.19
CA LEU A 299 0.43 -9.22 -4.35
C LEU A 299 -0.86 -8.48 -4.05
N PHE A 300 -1.49 -8.86 -2.93
CA PHE A 300 -2.71 -8.26 -2.46
C PHE A 300 -2.57 -8.01 -0.97
N ASN A 301 -3.36 -7.12 -0.40
CA ASN A 301 -3.33 -6.99 1.06
C ASN A 301 -3.93 -8.24 1.72
N ASP A 302 -3.34 -8.70 2.83
CA ASP A 302 -3.91 -9.88 3.51
C ASP A 302 -5.31 -9.67 4.05
N ASN A 303 -5.76 -8.44 4.27
CA ASN A 303 -7.14 -8.29 4.78
C ASN A 303 -8.20 -8.23 3.68
N THR A 304 -7.81 -8.48 2.43
CA THR A 304 -8.76 -8.42 1.31
C THR A 304 -9.83 -9.52 1.37
N GLU A 305 -11.09 -9.11 1.35
CA GLU A 305 -12.16 -10.09 1.32
C GLU A 305 -12.40 -10.56 -0.11
N CYS A 306 -12.34 -9.64 -1.07
CA CYS A 306 -12.47 -10.00 -2.47
C CYS A 306 -12.00 -8.84 -3.32
N LEU A 307 -11.91 -9.08 -4.62
CA LEU A 307 -11.72 -8.03 -5.59
C LEU A 307 -13.13 -7.71 -6.10
N ALA A 308 -13.48 -6.43 -6.10
CA ALA A 308 -14.81 -5.96 -6.49
C ALA A 308 -14.83 -5.23 -7.83
N LYS A 309 -15.98 -5.31 -8.50
CA LYS A 309 -16.16 -4.60 -9.78
C LYS A 309 -16.31 -3.13 -9.49
N LEU A 310 -15.91 -2.29 -10.44
CA LEU A 310 -15.99 -0.86 -10.27
C LEU A 310 -17.28 -0.25 -10.84
N GLY A 311 -18.02 0.36 -9.96
CA GLY A 311 -19.28 0.94 -10.32
C GLY A 311 -19.19 2.22 -11.16
N GLY A 312 -19.19 2.10 -12.47
CA GLY A 312 -19.19 3.32 -13.28
C GLY A 312 -18.18 3.33 -14.40
N ARG A 313 -17.39 2.27 -14.53
CA ARG A 313 -16.32 2.20 -15.54
C ARG A 313 -15.51 3.49 -15.40
N PRO A 314 -14.82 3.51 -14.23
CA PRO A 314 -14.04 4.69 -13.79
C PRO A 314 -12.90 5.04 -14.62
N THR A 315 -12.66 6.25 -14.94
CA THR A 315 -11.30 6.46 -15.34
C THR A 315 -10.43 6.47 -14.06
N TYR A 316 -9.12 6.59 -14.22
CA TYR A 316 -8.29 6.57 -13.03
C TYR A 316 -8.52 7.84 -12.16
N GLU A 317 -8.81 8.96 -12.81
CA GLU A 317 -9.12 10.20 -12.10
C GLU A 317 -10.39 10.08 -11.29
N GLU A 318 -11.41 9.46 -11.89
CA GLU A 318 -12.66 9.22 -11.18
C GLU A 318 -12.46 8.17 -10.09
N TYR A 319 -11.61 7.18 -10.33
CA TYR A 319 -11.36 6.18 -9.31
C TYR A 319 -10.64 6.82 -8.11
N LEU A 320 -9.64 7.65 -8.38
CA LEU A 320 -8.91 8.22 -7.29
C LEU A 320 -9.74 9.31 -6.56
N GLY A 321 -10.56 10.05 -7.32
CA GLY A 321 -11.37 11.13 -6.79
C GLY A 321 -10.62 12.46 -6.93
N THR A 322 -11.37 13.54 -7.18
CA THR A 322 -10.76 14.86 -7.42
C THR A 322 -10.03 15.40 -6.21
N GLU A 323 -10.52 15.08 -4.99
CA GLU A 323 -9.79 15.64 -3.86
C GLU A 323 -8.39 14.93 -3.80
N TYR A 324 -8.28 13.59 -3.95
CA TYR A 324 -6.94 12.96 -3.92
C TYR A 324 -6.04 13.38 -5.07
N VAL A 325 -6.58 13.42 -6.28
CA VAL A 325 -5.81 13.79 -7.46
C VAL A 325 -5.22 15.20 -7.34
N THR A 326 -5.94 16.14 -6.76
CA THR A 326 -5.33 17.46 -6.72
C THR A 326 -4.23 17.52 -5.66
N ALA A 327 -4.42 16.78 -4.59
CA ALA A 327 -3.36 16.68 -3.59
C ALA A 327 -2.07 16.19 -4.23
N ILE A 328 -2.13 15.11 -5.01
CA ILE A 328 -0.91 14.61 -5.65
C ILE A 328 -0.28 15.59 -6.62
N ALA A 329 -1.11 16.18 -7.47
CA ALA A 329 -0.61 17.13 -8.47
C ALA A 329 0.18 18.22 -7.77
N ASN A 330 -0.39 18.76 -6.70
CA ASN A 330 0.26 19.82 -5.95
C ASN A 330 1.61 19.39 -5.37
N LEU A 331 1.66 18.23 -4.72
CA LEU A 331 2.92 17.74 -4.14
C LEU A 331 3.96 17.49 -5.24
N LYS A 332 3.50 17.00 -6.38
CA LYS A 332 4.46 16.65 -7.42
C LYS A 332 5.05 17.87 -8.12
N LYS A 333 4.50 19.05 -7.81
CA LYS A 333 5.08 20.30 -8.28
C LYS A 333 6.42 20.56 -7.61
N CYS A 334 6.69 19.78 -6.56
CA CYS A 334 7.93 19.90 -5.83
C CYS A 334 8.98 18.92 -6.29
N SER A 335 8.55 17.74 -6.71
CA SER A 335 9.47 16.63 -6.90
C SER A 335 9.85 16.37 -8.36
N LEU A 340 1.97 18.18 -15.39
CA LEU A 340 0.90 17.29 -14.98
C LEU A 340 0.54 16.31 -16.11
N GLU A 341 0.31 16.87 -17.29
CA GLU A 341 0.00 16.11 -18.51
C GLU A 341 1.28 15.37 -19.00
N ALA A 342 1.45 14.11 -18.57
CA ALA A 342 2.76 13.45 -18.66
C ALA A 342 2.86 11.96 -19.05
N CYS A 343 3.12 11.12 -18.04
CA CYS A 343 3.82 9.81 -18.16
C CYS A 343 5.34 9.99 -17.98
N ALA A 344 5.79 9.59 -16.79
CA ALA A 344 7.17 9.62 -16.33
C ALA A 344 8.14 8.86 -17.24
N PHE A 345 7.63 7.86 -17.93
CA PHE A 345 8.42 7.10 -18.90
C PHE A 345 7.92 7.47 -20.30
C1 NAG B . -2.08 21.60 -0.32
C2 NAG B . -3.27 20.61 -0.31
C3 NAG B . -4.13 20.66 -1.59
C4 NAG B . -4.59 22.07 -1.96
C5 NAG B . -3.30 22.88 -1.97
C6 NAG B . -3.58 24.34 -2.34
C7 NAG B . -3.38 18.44 0.80
C8 NAG B . -2.76 17.08 0.98
N2 NAG B . -2.83 19.24 -0.10
O3 NAG B . -5.27 19.84 -1.51
O4 NAG B . -5.22 22.10 -3.25
O5 NAG B . -2.71 22.83 -0.68
O6 NAG B . -4.74 24.75 -1.66
O7 NAG B . -4.34 18.77 1.47
C1 NAG B . -6.61 22.55 -3.26
C2 NAG B . -7.02 23.01 -4.66
C3 NAG B . -8.50 23.40 -4.77
C4 NAG B . -9.47 22.43 -4.10
C5 NAG B . -8.89 22.01 -2.74
C6 NAG B . -9.70 20.89 -2.09
C7 NAG B . -5.34 24.10 -6.05
C8 NAG B . -4.20 25.09 -6.03
N2 NAG B . -6.22 24.16 -5.05
O3 NAG B . -8.88 23.48 -6.13
O4 NAG B . -10.74 23.10 -4.01
O5 NAG B . -7.54 21.57 -2.81
O6 NAG B . -9.59 19.73 -2.88
O7 NAG B . -5.41 23.30 -6.97
C1 BMA B . -11.94 22.32 -4.36
C2 BMA B . -12.95 22.40 -3.21
C3 BMA B . -14.25 21.61 -3.49
C4 BMA B . -14.84 22.02 -4.84
C5 BMA B . -13.75 22.00 -5.91
C6 BMA B . -14.30 22.53 -7.23
O2 BMA B . -13.25 23.76 -2.95
O3 BMA B . -15.24 21.77 -2.49
O4 BMA B . -15.90 21.14 -5.18
O5 BMA B . -12.61 22.77 -5.53
O6 BMA B . -14.70 23.87 -7.05
C1 NAG C . -9.49 0.00 11.69
C2 NAG C . -11.06 0.05 11.62
C3 NAG C . -11.69 -1.12 12.38
C4 NAG C . -11.07 -2.47 11.95
C5 NAG C . -9.53 -2.40 11.98
C6 NAG C . -8.86 -3.62 11.33
C7 NAG C . -12.04 2.20 11.42
C8 NAG C . -12.51 3.48 12.04
N2 NAG C . -11.57 1.26 12.21
O3 NAG C . -13.08 -1.06 12.16
O4 NAG C . -11.53 -3.48 12.82
O5 NAG C . -9.07 -1.27 11.25
O6 NAG C . -9.40 -3.74 10.02
O7 NAG C . -12.08 2.03 10.20
C1 NAG C . -12.28 -4.54 12.18
C2 NAG C . -12.08 -5.87 12.89
C3 NAG C . -13.03 -7.02 12.47
C4 NAG C . -14.48 -6.54 12.42
C5 NAG C . -14.46 -5.24 11.61
C6 NAG C . -15.86 -4.68 11.42
C7 NAG C . -9.99 -6.50 13.86
C8 NAG C . -8.72 -7.30 13.72
N2 NAG C . -10.73 -6.33 12.76
O3 NAG C . -12.89 -8.08 13.38
O4 NAG C . -15.36 -7.43 11.75
O5 NAG C . -13.65 -4.25 12.22
O6 NAG C . -15.79 -3.68 10.44
O7 NAG C . -10.32 -6.02 14.95
C1 MAN C . -15.69 -8.74 12.31
C2 MAN C . -16.45 -8.69 13.65
C3 MAN C . -15.69 -9.36 14.82
C4 MAN C . -14.98 -10.69 14.47
C5 MAN C . -14.73 -10.90 12.98
C6 MAN C . -15.65 -11.97 12.35
O2 MAN C . -17.76 -9.23 13.50
O3 MAN C . -16.57 -9.58 15.91
O4 MAN C . -13.78 -10.82 15.26
O5 MAN C . -14.63 -9.68 12.25
O6 MAN C . -16.83 -11.46 11.76
C1 BMA C . -12.70 -11.54 14.61
C2 BMA C . -11.37 -10.84 14.89
C3 BMA C . -10.31 -11.39 13.96
C4 BMA C . -10.30 -12.92 13.91
C5 BMA C . -11.54 -13.66 14.46
C6 BMA C . -11.11 -14.72 15.47
O2 BMA C . -10.96 -11.04 16.23
O3 BMA C . -9.03 -10.95 14.40
O4 BMA C . -10.08 -13.29 12.56
O5 BMA C . -12.55 -12.87 15.08
O6 BMA C . -10.65 -15.89 14.81
C1 GLC D . -14.43 8.22 -5.33
C2 GLC D . -15.65 8.04 -5.82
C3 GLC D . -16.27 9.06 -6.41
C4 GLC D . -15.85 10.31 -6.15
C5 GLC D . -15.02 10.55 -5.15
C6 GLC D . -14.94 11.95 -4.57
O2 GLC D . -16.12 6.91 -5.87
O3 GLC D . -17.31 8.87 -7.01
O4 GLC D . -16.03 11.18 -6.99
O5 GLC D . -14.15 9.49 -4.64
O6 GLC D . -14.12 11.96 -3.41
C1 GLC D . -12.78 6.74 -4.16
C2 GLC D . -12.06 5.63 -3.94
C3 GLC D . -12.19 5.05 -2.74
C4 GLC D . -12.28 5.83 -1.66
C5 GLC D . -12.58 7.11 -1.81
C6 GLC D . -12.32 8.12 -0.72
O1 GLC D . -13.44 7.16 -5.39
O2 GLC D . -11.43 5.09 -4.83
O3 GLC D . -12.09 3.84 -2.63
O4 GLC D . -12.37 5.33 -0.55
O5 GLC D . -13.20 7.55 -3.04
O6 GLC D . -11.16 8.87 -1.02
C1 NAG E . -7.93 -22.28 -16.72
C2 NAG E . -8.89 -22.79 -15.65
C3 NAG E . -10.06 -23.56 -16.27
C4 NAG E . -10.63 -22.93 -17.53
C5 NAG E . -9.57 -22.25 -18.39
C6 NAG E . -10.26 -21.30 -19.37
C7 NAG E . -7.81 -23.19 -13.52
C8 NAG E . -7.26 -24.24 -12.60
N2 NAG E . -8.18 -23.64 -14.72
O3 NAG E . -11.11 -23.68 -15.32
O4 NAG E . -11.25 -23.91 -18.33
O5 NAG E . -8.71 -21.49 -17.57
O6 NAG E . -11.38 -20.74 -18.71
O7 NAG E . -7.89 -22.01 -13.17
ZN ZN F . -16.94 8.30 -15.77
ZN ZN G . -12.07 12.35 7.41
FE FE H . -1.94 2.18 0.20
C CO3 I . 0.07 3.08 1.10
O1 CO3 I . 0.15 1.92 0.46
O2 CO3 I . -1.06 3.63 1.16
O3 CO3 I . 1.06 3.67 1.70
S SO4 J . -1.61 10.31 25.83
O1 SO4 J . -2.36 9.91 27.01
O2 SO4 J . -2.44 10.10 24.66
O3 SO4 J . -1.26 11.72 25.92
O4 SO4 J . -0.39 9.51 25.75
#